data_2O1Y
#
_entry.id   2O1Y
#
loop_
_entity.id
_entity.type
_entity.pdbx_description
1 polymer 'Apoptosis regulator Bcl-X'
2 non-polymer 3-NITRO-N-{4-[2-(2-PHENYLETHYL)-1,3-BENZOTHIAZOL-5-YL]BENZOYL}-4-{[2-(PHENYLSULFANYL)ETHYL]AMINO}BENZENESULFONAMIDE
#
_entity_poly.entity_id   1
_entity_poly.type   'polypeptide(L)'
_entity_poly.pdbx_seq_one_letter_code
;MSMAMSQSNRELVVDFLSYKLSQKGYSWSQFSDVEENRTEAPEGTESEAVKQALREAGDEFELRYRRAFSDLTSQLHITP
GTAYQSFEQVVNELFRDGVNWGRIVAFFSFGGALCVESVDKEMQVLVSRIAAWMATYLNDHLEPWIQENGGWDTFVELYG
NNAAAESRKGQERLEHHHHHH
;
_entity_poly.pdbx_strand_id   A
#
loop_
_chem_comp.id
_chem_comp.type
_chem_comp.name
_chem_comp.formula
43B non-polymer 3-NITRO-N-{4-[2-(2-PHENYLETHYL)-1,3-BENZOTHIAZOL-5-YL]BENZOYL}-4-{[2-(PHENYLSULFANYL)ETHYL]AMINO}BENZENESULFONAMIDE 'C36 H30 N4 O5 S3'
#
# COMPACT_ATOMS: atom_id res chain seq x y z
N MET A 1 16.84 -22.47 -17.61
CA MET A 1 16.46 -22.24 -16.19
C MET A 1 15.79 -20.88 -16.01
N SER A 2 14.80 -20.83 -15.12
CA SER A 2 14.07 -19.60 -14.85
C SER A 2 13.57 -19.58 -13.41
N MET A 3 12.69 -18.63 -13.11
CA MET A 3 12.13 -18.53 -11.77
C MET A 3 11.31 -17.24 -11.61
N ALA A 4 10.40 -17.25 -10.66
CA ALA A 4 9.55 -16.08 -10.39
C ALA A 4 9.37 -15.87 -8.90
N MET A 5 8.25 -15.27 -8.52
CA MET A 5 7.96 -15.01 -7.11
C MET A 5 6.49 -15.27 -6.79
N SER A 6 6.05 -14.79 -5.63
CA SER A 6 4.66 -14.97 -5.20
C SER A 6 3.75 -13.95 -5.87
N GLN A 7 2.53 -13.84 -5.36
CA GLN A 7 1.55 -12.91 -5.90
C GLN A 7 1.00 -11.98 -4.82
N SER A 8 1.22 -12.34 -3.56
CA SER A 8 0.74 -11.54 -2.44
C SER A 8 0.90 -10.05 -2.71
N ASN A 9 2.15 -9.62 -2.90
CA ASN A 9 2.43 -8.22 -3.18
C ASN A 9 1.40 -7.60 -4.12
N ARG A 10 1.16 -8.28 -5.25
CA ARG A 10 0.20 -7.80 -6.23
C ARG A 10 -1.15 -7.51 -5.57
N GLU A 11 -1.62 -8.47 -4.78
CA GLU A 11 -2.90 -8.31 -4.09
C GLU A 11 -2.97 -6.98 -3.36
N LEU A 12 -1.82 -6.51 -2.87
CA LEU A 12 -1.76 -5.25 -2.16
C LEU A 12 -2.10 -4.08 -3.08
N VAL A 13 -1.52 -4.09 -4.28
CA VAL A 13 -1.77 -3.05 -5.25
C VAL A 13 -3.26 -2.93 -5.55
N VAL A 14 -3.91 -4.06 -5.78
CA VAL A 14 -5.34 -4.09 -6.08
C VAL A 14 -6.14 -3.61 -4.88
N ASP A 15 -6.05 -4.34 -3.77
CA ASP A 15 -6.78 -3.98 -2.57
C ASP A 15 -6.64 -2.49 -2.27
N PHE A 16 -5.39 -2.05 -2.13
CA PHE A 16 -5.12 -0.63 -1.84
C PHE A 16 -5.72 0.26 -2.93
N LEU A 17 -5.28 0.05 -4.17
CA LEU A 17 -5.77 0.84 -5.29
C LEU A 17 -7.26 1.11 -5.14
N SER A 18 -8.04 0.05 -5.03
CA SER A 18 -9.49 0.18 -4.86
C SER A 18 -9.81 1.14 -3.73
N TYR A 19 -9.12 0.96 -2.60
CA TYR A 19 -9.32 1.83 -1.44
C TYR A 19 -9.08 3.29 -1.81
N LYS A 20 -7.93 3.56 -2.41
CA LYS A 20 -7.58 4.91 -2.82
C LYS A 20 -8.62 5.45 -3.80
N LEU A 21 -9.20 4.56 -4.61
CA LEU A 21 -10.21 4.94 -5.57
C LEU A 21 -11.53 5.26 -4.88
N SER A 22 -12.02 4.31 -4.09
CA SER A 22 -13.28 4.50 -3.37
C SER A 22 -13.22 5.78 -2.53
N GLN A 23 -12.09 6.00 -1.88
CA GLN A 23 -11.92 7.18 -1.05
C GLN A 23 -12.15 8.45 -1.87
N LYS A 24 -12.00 8.32 -3.19
CA LYS A 24 -12.20 9.45 -4.08
C LYS A 24 -13.61 9.45 -4.65
N GLY A 25 -14.34 8.37 -4.40
CA GLY A 25 -15.71 8.27 -4.90
C GLY A 25 -15.87 7.22 -5.98
N TYR A 26 -14.79 6.95 -6.71
CA TYR A 26 -14.82 5.96 -7.78
C TYR A 26 -14.98 4.55 -7.22
N SER A 27 -14.87 3.55 -8.09
CA SER A 27 -15.00 2.16 -7.68
C SER A 27 -14.93 1.23 -8.90
N TRP A 28 -16.09 0.95 -9.48
CA TRP A 28 -16.16 0.08 -10.65
C TRP A 28 -15.70 -1.33 -10.31
N SER A 29 -16.40 -2.33 -10.86
CA SER A 29 -16.05 -3.72 -10.61
C SER A 29 -17.00 -4.65 -11.36
N GLN A 30 -17.08 -5.90 -10.89
CA GLN A 30 -17.96 -6.88 -11.52
C GLN A 30 -18.28 -8.02 -10.54
N PHE A 31 -19.14 -8.94 -10.96
CA PHE A 31 -19.53 -10.07 -10.13
C PHE A 31 -19.31 -11.38 -10.86
N SER A 32 -19.55 -12.49 -10.16
CA SER A 32 -19.39 -13.82 -10.74
C SER A 32 -19.92 -14.90 -9.82
N ASP A 33 -19.75 -16.15 -10.21
CA ASP A 33 -20.22 -17.28 -9.41
C ASP A 33 -19.10 -18.29 -9.19
N VAL A 34 -19.14 -18.99 -8.06
CA VAL A 34 -18.14 -19.99 -7.74
C VAL A 34 -18.75 -21.19 -7.01
N GLU A 35 -18.66 -21.18 -5.68
CA GLU A 35 -19.21 -22.28 -4.88
C GLU A 35 -18.79 -22.15 -3.42
N GLU A 36 -19.77 -21.99 -2.53
CA GLU A 36 -19.48 -21.87 -1.10
C GLU A 36 -20.77 -21.83 -0.30
N ASN A 37 -20.64 -21.98 1.02
CA ASN A 37 -21.80 -21.97 1.92
C ASN A 37 -21.51 -21.14 3.15
N ARG A 38 -22.37 -21.26 4.16
CA ARG A 38 -22.21 -20.52 5.41
C ARG A 38 -23.38 -20.78 6.34
N THR A 39 -23.14 -20.62 7.64
CA THR A 39 -24.17 -20.84 8.65
C THR A 39 -23.65 -20.52 10.05
N GLU A 40 -23.64 -19.22 10.38
CA GLU A 40 -23.16 -18.78 11.69
C GLU A 40 -23.70 -17.40 12.01
N ALA A 41 -23.14 -16.38 11.37
CA ALA A 41 -23.57 -15.01 11.59
C ALA A 41 -22.79 -14.03 10.72
N PRO A 42 -23.38 -13.60 9.60
CA PRO A 42 -22.75 -12.67 8.67
C PRO A 42 -22.64 -11.27 9.24
N GLU A 43 -21.56 -10.57 8.91
CA GLU A 43 -21.34 -9.21 9.39
C GLU A 43 -20.06 -8.63 8.80
N GLY A 44 -19.86 -7.32 9.00
CA GLY A 44 -18.68 -6.66 8.50
C GLY A 44 -17.44 -7.53 8.58
N THR A 45 -16.99 -7.80 9.80
CA THR A 45 -15.81 -8.62 10.01
C THR A 45 -14.60 -8.01 9.33
N GLU A 46 -13.50 -7.88 10.06
CA GLU A 46 -12.28 -7.30 9.52
C GLU A 46 -11.05 -8.06 10.01
N SER A 47 -9.95 -7.94 9.25
CA SER A 47 -8.71 -8.62 9.60
C SER A 47 -7.83 -7.73 10.48
N GLU A 48 -6.51 -7.93 10.39
CA GLU A 48 -5.58 -7.14 11.18
C GLU A 48 -4.15 -7.40 10.72
N ALA A 49 -3.91 -7.31 9.41
CA ALA A 49 -2.58 -7.53 8.86
C ALA A 49 -2.23 -6.47 7.82
N VAL A 50 -1.41 -6.86 6.84
CA VAL A 50 -1.00 -5.94 5.78
C VAL A 50 -2.16 -5.06 5.31
N LYS A 51 -3.23 -5.70 4.87
CA LYS A 51 -4.41 -4.99 4.39
C LYS A 51 -4.69 -3.74 5.22
N GLN A 52 -5.16 -3.95 6.45
CA GLN A 52 -5.47 -2.84 7.34
C GLN A 52 -4.28 -1.91 7.53
N ALA A 53 -3.12 -2.51 7.87
CA ALA A 53 -1.91 -1.74 8.08
C ALA A 53 -1.60 -0.83 6.89
N LEU A 54 -1.34 -1.45 5.74
CA LEU A 54 -1.02 -0.71 4.53
C LEU A 54 -1.90 0.54 4.39
N ARG A 55 -3.21 0.33 4.34
CA ARG A 55 -4.16 1.44 4.20
C ARG A 55 -3.82 2.57 5.18
N GLU A 56 -4.02 2.32 6.46
CA GLU A 56 -3.73 3.32 7.49
C GLU A 56 -2.51 4.15 7.13
N ALA A 57 -1.34 3.51 7.11
CA ALA A 57 -0.10 4.20 6.78
C ALA A 57 -0.28 5.12 5.58
N GLY A 58 -1.02 4.65 4.59
CA GLY A 58 -1.25 5.44 3.40
C GLY A 58 -1.97 6.75 3.68
N ASP A 59 -3.02 6.68 4.48
CA ASP A 59 -3.79 7.87 4.83
C ASP A 59 -2.96 8.83 5.67
N GLU A 60 -2.19 8.27 6.60
CA GLU A 60 -1.35 9.08 7.48
C GLU A 60 -0.18 9.69 6.72
N PHE A 61 0.25 9.02 5.65
CA PHE A 61 1.36 9.50 4.84
C PHE A 61 1.06 10.87 4.24
N GLU A 62 -0.01 10.94 3.44
CA GLU A 62 -0.40 12.20 2.82
C GLU A 62 -0.74 13.25 3.87
N LEU A 63 -0.91 12.81 5.10
CA LEU A 63 -1.24 13.70 6.19
C LEU A 63 0.01 14.38 6.73
N ARG A 64 0.98 13.57 7.13
CA ARG A 64 2.24 14.09 7.66
C ARG A 64 3.10 14.66 6.54
N TYR A 65 3.12 13.97 5.41
CA TYR A 65 3.90 14.40 4.25
C TYR A 65 2.98 14.85 3.12
N ARG A 66 2.01 15.69 3.46
CA ARG A 66 1.07 16.20 2.46
C ARG A 66 1.81 16.84 1.29
N ARG A 67 2.91 17.52 1.61
CA ARG A 67 3.71 18.18 0.58
C ARG A 67 4.69 17.20 -0.06
N ALA A 68 5.37 16.41 0.76
CA ALA A 68 6.33 15.44 0.28
C ALA A 68 5.70 14.50 -0.74
N PHE A 69 4.39 14.33 -0.65
CA PHE A 69 3.66 13.46 -1.56
C PHE A 69 3.18 14.23 -2.79
N SER A 70 2.43 15.30 -2.55
CA SER A 70 1.91 16.13 -3.63
C SER A 70 3.00 16.44 -4.65
N ASP A 71 4.10 17.02 -4.20
CA ASP A 71 5.21 17.37 -5.08
C ASP A 71 5.68 16.16 -5.88
N LEU A 72 5.49 14.97 -5.31
CA LEU A 72 5.90 13.73 -5.97
C LEU A 72 4.94 13.38 -7.12
N THR A 73 3.66 13.29 -6.79
CA THR A 73 2.64 12.97 -7.79
C THR A 73 2.72 13.91 -8.98
N SER A 74 3.35 15.06 -8.78
CA SER A 74 3.49 16.05 -9.84
C SER A 74 4.83 15.90 -10.57
N GLN A 75 5.54 14.82 -10.26
CA GLN A 75 6.84 14.57 -10.88
C GLN A 75 6.71 13.63 -12.07
N LEU A 76 5.57 12.96 -12.17
CA LEU A 76 5.33 12.03 -13.27
C LEU A 76 3.89 12.11 -13.76
N HIS A 77 3.72 12.40 -15.05
CA HIS A 77 2.39 12.50 -15.65
C HIS A 77 2.10 11.27 -16.49
N ILE A 78 1.42 10.29 -15.90
CA ILE A 78 1.08 9.05 -16.59
C ILE A 78 0.16 9.29 -17.78
N THR A 79 0.43 8.58 -18.86
CA THR A 79 -0.37 8.68 -20.08
C THR A 79 -0.26 7.40 -20.91
N PRO A 80 -1.15 7.23 -21.90
CA PRO A 80 -1.15 6.04 -22.76
C PRO A 80 0.20 5.82 -23.43
N GLY A 81 0.87 6.91 -23.78
CA GLY A 81 2.16 6.81 -24.42
C GLY A 81 3.30 6.72 -23.43
N THR A 82 2.98 6.79 -22.15
CA THR A 82 3.99 6.73 -21.09
C THR A 82 4.64 5.34 -21.06
N ALA A 83 5.96 5.32 -20.92
CA ALA A 83 6.70 4.07 -20.87
C ALA A 83 6.95 3.64 -19.42
N TYR A 84 6.75 2.35 -19.15
CA TYR A 84 6.96 1.81 -17.80
C TYR A 84 8.30 2.28 -17.24
N GLN A 85 9.23 2.59 -18.13
CA GLN A 85 10.55 3.05 -17.73
C GLN A 85 10.45 4.36 -16.97
N SER A 86 9.80 5.35 -17.59
CA SER A 86 9.63 6.66 -16.97
C SER A 86 9.06 6.52 -15.56
N PHE A 87 8.41 5.39 -15.30
CA PHE A 87 7.83 5.13 -13.99
C PHE A 87 8.89 4.61 -13.02
N GLU A 88 9.47 3.47 -13.36
CA GLU A 88 10.49 2.86 -12.52
C GLU A 88 11.60 3.85 -12.19
N GLN A 89 11.69 4.91 -12.99
CA GLN A 89 12.70 5.94 -12.78
C GLN A 89 12.35 6.80 -11.57
N VAL A 90 11.24 7.53 -11.66
CA VAL A 90 10.80 8.39 -10.58
C VAL A 90 10.75 7.66 -9.25
N VAL A 91 10.23 6.44 -9.26
CA VAL A 91 10.13 5.65 -8.03
C VAL A 91 11.52 5.27 -7.52
N ASN A 92 12.47 5.18 -8.44
CA ASN A 92 13.84 4.82 -8.09
C ASN A 92 14.48 5.88 -7.19
N GLU A 93 14.42 7.13 -7.62
CA GLU A 93 15.00 8.23 -6.85
C GLU A 93 14.44 8.26 -5.44
N LEU A 94 13.11 8.24 -5.32
CA LEU A 94 12.46 8.24 -4.03
C LEU A 94 12.89 7.02 -3.22
N PHE A 95 13.50 6.05 -3.90
CA PHE A 95 13.98 4.83 -3.25
C PHE A 95 15.50 4.73 -3.31
N ARG A 96 16.14 5.77 -3.86
CA ARG A 96 17.59 5.79 -3.99
C ARG A 96 18.27 5.65 -2.63
N ASP A 97 17.79 6.39 -1.64
CA ASP A 97 18.37 6.35 -0.31
C ASP A 97 17.92 5.10 0.44
N GLY A 98 18.52 3.96 0.09
CA GLY A 98 18.18 2.71 0.74
C GLY A 98 16.69 2.41 0.69
N VAL A 99 16.25 1.50 1.54
CA VAL A 99 14.84 1.11 1.58
C VAL A 99 14.35 0.97 3.02
N ASN A 100 13.21 1.57 3.30
CA ASN A 100 12.62 1.52 4.64
C ASN A 100 11.10 1.60 4.57
N TRP A 101 10.43 0.81 5.40
CA TRP A 101 8.97 0.78 5.44
C TRP A 101 8.38 2.14 5.09
N GLY A 102 8.92 3.19 5.71
CA GLY A 102 8.43 4.53 5.44
C GLY A 102 8.31 4.81 3.96
N ARG A 103 9.44 4.77 3.25
CA ARG A 103 9.45 5.02 1.81
C ARG A 103 8.52 4.04 1.09
N ILE A 104 8.44 2.81 1.61
CA ILE A 104 7.59 1.80 1.01
C ILE A 104 6.15 2.28 0.91
N VAL A 105 5.53 2.53 2.07
CA VAL A 105 4.16 3.01 2.08
C VAL A 105 4.06 4.36 1.38
N ALA A 106 4.97 5.28 1.74
CA ALA A 106 4.98 6.59 1.12
C ALA A 106 4.98 6.45 -0.39
N PHE A 107 5.53 5.34 -0.86
CA PHE A 107 5.59 5.04 -2.28
C PHE A 107 4.24 4.55 -2.80
N PHE A 108 3.73 3.47 -2.20
CA PHE A 108 2.45 2.92 -2.61
C PHE A 108 1.47 4.03 -2.97
N SER A 109 1.35 5.01 -2.08
CA SER A 109 0.46 6.14 -2.29
C SER A 109 0.72 6.79 -3.65
N PHE A 110 2.00 7.06 -3.94
CA PHE A 110 2.36 7.67 -5.21
C PHE A 110 1.52 7.10 -6.33
N GLY A 111 1.50 5.77 -6.42
CA GLY A 111 0.71 5.12 -7.45
C GLY A 111 -0.77 5.43 -7.33
N GLY A 112 -1.31 5.25 -6.12
CA GLY A 112 -2.72 5.54 -5.90
C GLY A 112 -3.13 6.86 -6.51
N ALA A 113 -2.29 7.88 -6.34
CA ALA A 113 -2.57 9.20 -6.89
C ALA A 113 -2.64 9.14 -8.42
N LEU A 114 -1.73 8.38 -9.01
CA LEU A 114 -1.69 8.24 -10.46
C LEU A 114 -3.04 7.77 -10.98
N CYS A 115 -3.64 6.81 -10.28
CA CYS A 115 -4.94 6.28 -10.67
C CYS A 115 -6.00 7.37 -10.54
N VAL A 116 -6.04 8.02 -9.38
CA VAL A 116 -7.00 9.09 -9.14
C VAL A 116 -6.93 10.13 -10.25
N GLU A 117 -5.71 10.33 -10.76
CA GLU A 117 -5.49 11.30 -11.83
C GLU A 117 -6.00 10.74 -13.16
N SER A 118 -5.79 9.44 -13.37
CA SER A 118 -6.23 8.79 -14.59
C SER A 118 -7.75 8.90 -14.73
N VAL A 119 -8.47 8.37 -13.74
CA VAL A 119 -9.92 8.43 -13.76
C VAL A 119 -10.40 9.85 -13.99
N ASP A 120 -9.82 10.80 -13.25
CA ASP A 120 -10.18 12.20 -13.38
C ASP A 120 -10.16 12.61 -14.85
N LYS A 121 -9.30 11.95 -15.63
CA LYS A 121 -9.18 12.24 -17.05
C LYS A 121 -9.91 11.19 -17.87
N GLU A 122 -10.86 10.50 -17.24
CA GLU A 122 -11.64 9.47 -17.92
C GLU A 122 -10.74 8.44 -18.59
N MET A 123 -9.66 8.06 -17.90
CA MET A 123 -8.72 7.09 -18.43
C MET A 123 -8.48 5.96 -17.45
N GLN A 124 -9.53 5.56 -16.74
CA GLN A 124 -9.44 4.48 -15.76
C GLN A 124 -8.70 3.28 -16.35
N VAL A 125 -8.81 3.11 -17.66
CA VAL A 125 -8.15 2.00 -18.33
C VAL A 125 -6.70 1.87 -17.89
N LEU A 126 -6.11 2.99 -17.49
CA LEU A 126 -4.72 3.02 -17.04
C LEU A 126 -4.56 2.24 -15.74
N VAL A 127 -5.50 2.44 -14.82
CA VAL A 127 -5.46 1.75 -13.53
C VAL A 127 -4.88 0.34 -13.66
N SER A 128 -5.46 -0.46 -14.55
CA SER A 128 -5.00 -1.81 -14.78
C SER A 128 -3.50 -1.85 -15.05
N ARG A 129 -3.02 -0.88 -15.82
CA ARG A 129 -1.61 -0.80 -16.16
C ARG A 129 -0.76 -0.52 -14.92
N ILE A 130 -0.82 0.72 -14.44
CA ILE A 130 -0.05 1.12 -13.27
C ILE A 130 -0.09 0.03 -12.21
N ALA A 131 -1.20 -0.69 -12.15
CA ALA A 131 -1.36 -1.78 -11.19
C ALA A 131 -0.36 -2.89 -11.44
N ALA A 132 -0.16 -3.23 -12.72
CA ALA A 132 0.77 -4.28 -13.10
C ALA A 132 2.21 -3.78 -13.00
N TRP A 133 2.41 -2.49 -13.28
CA TRP A 133 3.74 -1.90 -13.22
C TRP A 133 4.28 -1.94 -11.78
N MET A 134 3.37 -1.82 -10.82
CA MET A 134 3.75 -1.85 -9.42
C MET A 134 4.19 -3.25 -9.00
N ALA A 135 3.33 -4.23 -9.24
CA ALA A 135 3.63 -5.61 -8.90
C ALA A 135 4.95 -6.06 -9.53
N THR A 136 5.37 -5.34 -10.57
CA THR A 136 6.61 -5.65 -11.26
C THR A 136 7.80 -5.05 -10.53
N TYR A 137 7.63 -3.81 -10.07
CA TYR A 137 8.69 -3.11 -9.36
C TYR A 137 8.82 -3.64 -7.93
N LEU A 138 7.69 -3.98 -7.32
CA LEU A 138 7.69 -4.50 -5.96
C LEU A 138 8.32 -5.89 -5.90
N ASN A 139 8.30 -6.59 -7.03
CA ASN A 139 8.87 -7.93 -7.10
C ASN A 139 10.27 -7.91 -7.71
N ASP A 140 10.76 -6.73 -8.06
CA ASP A 140 12.08 -6.59 -8.67
C ASP A 140 12.89 -5.48 -8.02
N HIS A 141 12.28 -4.74 -7.08
CA HIS A 141 12.98 -3.64 -6.42
C HIS A 141 12.59 -3.54 -4.94
N LEU A 142 11.88 -4.53 -4.44
CA LEU A 142 11.45 -4.52 -3.04
C LEU A 142 11.37 -5.93 -2.46
N GLU A 143 10.78 -6.85 -3.22
CA GLU A 143 10.63 -8.23 -2.78
C GLU A 143 11.86 -8.67 -2.00
N PRO A 144 13.05 -8.62 -2.63
CA PRO A 144 14.31 -9.02 -1.99
C PRO A 144 14.55 -8.28 -0.67
N TRP A 145 14.01 -7.06 -0.58
CA TRP A 145 14.16 -6.25 0.62
C TRP A 145 13.18 -6.69 1.70
N ILE A 146 11.89 -6.72 1.35
CA ILE A 146 10.86 -7.12 2.29
C ILE A 146 11.14 -8.49 2.89
N GLN A 147 11.83 -9.33 2.14
CA GLN A 147 12.17 -10.68 2.61
C GLN A 147 13.40 -10.66 3.51
N GLU A 148 14.04 -9.49 3.61
CA GLU A 148 15.23 -9.35 4.44
C GLU A 148 14.92 -8.60 5.74
N ASN A 149 13.66 -8.21 5.91
CA ASN A 149 13.25 -7.49 7.11
C ASN A 149 12.07 -8.18 7.79
N GLY A 150 11.91 -9.46 7.51
CA GLY A 150 10.81 -10.22 8.10
C GLY A 150 9.50 -10.02 7.36
N GLY A 151 9.59 -9.90 6.03
CA GLY A 151 8.41 -9.70 5.23
C GLY A 151 7.51 -8.61 5.75
N TRP A 152 6.20 -8.77 5.56
CA TRP A 152 5.23 -7.78 6.01
C TRP A 152 4.93 -7.97 7.50
N ASP A 153 4.85 -9.22 7.92
CA ASP A 153 4.57 -9.54 9.33
C ASP A 153 5.23 -8.53 10.27
N THR A 154 6.37 -7.99 9.85
CA THR A 154 7.09 -7.01 10.65
C THR A 154 6.46 -5.63 10.56
N PHE A 155 6.10 -5.24 9.33
CA PHE A 155 5.49 -3.94 9.10
C PHE A 155 4.19 -3.79 9.89
N VAL A 156 3.40 -4.85 9.93
CA VAL A 156 2.13 -4.84 10.66
C VAL A 156 2.36 -4.93 12.16
N GLU A 157 3.54 -5.41 12.54
CA GLU A 157 3.90 -5.55 13.95
C GLU A 157 4.60 -4.31 14.48
N LEU A 158 4.81 -3.33 13.61
CA LEU A 158 5.48 -2.09 14.00
C LEU A 158 4.57 -0.89 13.81
N TYR A 159 4.33 -0.51 12.54
CA TYR A 159 3.47 0.63 12.24
C TYR A 159 2.09 0.17 11.78
N GLY A 160 1.46 -0.68 12.59
CA GLY A 160 0.14 -1.18 12.26
C GLY A 160 -0.83 -1.11 13.42
N ASN A 161 -2.12 -1.22 13.12
CA ASN A 161 -3.15 -1.17 14.15
C ASN A 161 -2.76 -1.99 15.37
N ASN A 162 -3.05 -3.29 15.32
CA ASN A 162 -2.72 -4.20 16.42
C ASN A 162 -1.40 -3.79 17.07
N ALA A 163 -0.49 -3.29 16.27
CA ALA A 163 0.81 -2.86 16.77
C ALA A 163 0.69 -1.56 17.56
N ALA A 164 -0.01 -0.58 16.99
CA ALA A 164 -0.20 0.70 17.64
C ALA A 164 -0.73 0.51 19.05
N ALA A 165 -1.81 -0.25 19.19
CA ALA A 165 -2.41 -0.52 20.48
C ALA A 165 -1.42 -1.26 21.38
N GLU A 166 -0.70 -2.21 20.81
CA GLU A 166 0.29 -2.98 21.55
C GLU A 166 1.30 -2.05 22.20
N SER A 167 1.78 -1.07 21.44
CA SER A 167 2.75 -0.11 21.94
C SER A 167 2.22 0.60 23.18
N ARG A 168 1.01 1.14 23.07
CA ARG A 168 0.39 1.84 24.20
C ARG A 168 0.35 0.95 25.43
N LYS A 169 -0.09 -0.29 25.25
CA LYS A 169 -0.16 -1.24 26.36
C LYS A 169 1.06 -1.06 27.26
N GLY A 170 2.24 -1.11 26.67
CA GLY A 170 3.47 -0.93 27.42
C GLY A 170 3.53 0.42 28.11
N GLN A 171 3.63 1.48 27.31
CA GLN A 171 3.70 2.83 27.85
C GLN A 171 2.75 2.99 29.04
N GLU A 172 1.45 2.92 28.78
CA GLU A 172 0.47 3.05 29.84
C GLU A 172 0.91 2.26 31.07
N ARG A 173 1.68 1.20 30.81
CA ARG A 173 2.18 0.35 31.89
C ARG A 173 3.38 1.02 32.57
N LEU A 174 4.43 1.24 31.78
CA LEU A 174 5.64 1.88 32.30
C LEU A 174 5.28 3.04 33.23
N GLU A 175 4.53 3.99 32.69
CA GLU A 175 4.10 5.15 33.46
C GLU A 175 3.59 4.73 34.83
N HIS A 176 2.78 3.67 34.85
CA HIS A 176 2.21 3.17 36.09
C HIS A 176 3.33 2.76 37.06
N HIS A 177 4.43 2.28 36.50
CA HIS A 177 5.56 1.85 37.32
C HIS A 177 6.18 3.04 38.05
N HIS A 178 6.87 3.89 37.30
CA HIS A 178 7.51 5.08 37.89
C HIS A 178 6.60 5.72 38.93
N HIS A 179 5.29 5.72 38.66
CA HIS A 179 4.32 6.30 39.57
C HIS A 179 4.30 5.56 40.90
N HIS A 180 4.16 4.23 40.83
CA HIS A 180 4.13 3.40 42.03
C HIS A 180 5.50 3.36 42.69
N HIS A 181 6.55 3.48 41.89
CA HIS A 181 7.91 3.45 42.39
C HIS A 181 8.07 4.40 43.57
C8 43B B . 12.33 12.71 -5.42
C9 43B B . 12.55 11.53 -4.46
C10 43B B . 11.70 11.62 -3.21
S11 43B B . 10.39 12.83 -3.00
C12 43B B . 10.09 12.16 -1.46
C13 43B B . 10.98 11.09 -1.20
N14 43B B . 11.87 10.82 -2.23
C15 43B B . 10.86 10.43 0.04
C16 43B B . 9.88 10.82 1.00
C17 43B B . 9.04 11.91 0.65
C18 43B B . 9.12 12.58 -0.56
C19 43B B . 9.75 10.17 2.24
C20 43B B . 10.72 9.27 2.73
C21 43B B . 10.57 8.65 3.97
C22 43B B . 9.44 8.91 4.77
C23 43B B . 8.48 9.80 4.28
C24 43B B . 8.62 10.41 3.06
C25 43B B . 9.18 8.28 6.14
N26 43B B . 10.04 7.43 6.69
S27 43B B . 9.80 6.70 8.20
C28 43B B . 8.11 6.55 8.65
O29 43B B . 8.18 8.55 6.79
O30 43B B . 10.48 5.29 8.01
O31 43B B . 10.64 7.54 9.27
C32 43B B . 7.43 5.38 8.36
C33 43B B . 6.07 5.24 8.67
C34 43B B . 5.40 6.32 9.30
C35 43B B . 6.11 7.50 9.58
C36 43B B . 7.45 7.61 9.26
N37 43B B . 5.42 3.90 8.31
O38 43B B . 6.05 3.01 7.78
O39 43B B . 4.24 3.68 8.53
N40 43B B . 3.97 6.24 9.65
C41 43B B . 3.10 7.23 10.29
C42 43B B . 2.34 8.03 9.23
S43 43B B . 3.46 9.01 8.18
C44 43B B . 4.13 8.07 6.86
C45 43B B . 5.12 8.58 6.02
C46 43B B . 5.63 7.80 4.99
C47 43B B . 5.15 6.51 4.81
C48 43B B . 4.16 5.99 5.65
C49 43B B . 3.65 6.78 6.69
C1 43B B . 11.97 11.55 -9.58
C2 43B B . 13.23 11.82 -9.03
C3 43B B . 13.34 12.19 -7.69
C4 43B B . 12.21 12.31 -6.89
C5 43B B . 10.95 12.04 -7.45
C6 43B B . 10.83 11.66 -8.78
HD1 43B B . 13.20 13.40 -5.32
HD2 43B B . 11.45 13.31 -5.10
HE1 43B B . 12.27 10.60 -4.99
HE2 43B B . 13.62 11.43 -4.17
HF 43B B . 11.55 9.61 0.22
HG 43B B . 8.28 12.25 1.33
HH 43B B . 8.46 13.40 -0.79
HI1 43B B . 11.61 9.03 2.17
HJ1 43B B . 11.35 7.98 4.31
HJ2 43B B . 7.60 10.02 4.87
HI2 43B B . 7.83 11.08 2.74
H26 43B B . 10.89 7.20 6.16
HK 43B B . 7.97 4.56 7.88
HL 43B B . 5.64 8.35 10.05
HM 43B B . 7.99 8.52 9.49
H40 43B B . 3.59 5.33 9.38
HN1 43B B . 3.70 7.94 10.91
HN2 43B B . 2.40 6.72 10.98
HO1 43B B . 1.70 8.77 9.77
HO2 43B B . 1.64 7.41 8.65
HP1 43B B . 5.50 9.59 6.16
HQ1 43B B . 6.39 8.20 4.34
HR 43B B . 5.55 5.89 4.00
HQ2 43B B . 3.79 4.99 5.51
HP2 43B B . 2.89 6.39 7.34
HA 43B B . 11.88 11.27 -10.60
HB1 43B B . 14.11 11.73 -9.64
HC1 43B B . 14.33 12.39 -7.29
HC2 43B B . 10.06 12.12 -6.83
HB2 43B B . 9.86 11.46 -9.20
#